data_6VUD
#
_entry.id   6VUD
#
_cell.length_a   79.660
_cell.length_b   93.230
_cell.length_c   73.420
_cell.angle_alpha   90.000
_cell.angle_beta   109.728
_cell.angle_gamma   90.000
#
_symmetry.space_group_name_H-M   'C 1 2 1'
#
loop_
_entity.id
_entity.type
_entity.pdbx_description
1 polymer 'Ribosome-recycling factor'
2 non-polymer 'CHLORIDE ION'
3 water water
#
_entity_poly.entity_id   1
_entity_poly.type   'polypeptide(L)'
_entity_poly.pdbx_seq_one_letter_code
;MMISEVKQDAKSRMEKSLSVYLSDIDGIRTGRARTSVLNGIVVETYGGRVKLNTISSVSVSDNKTLMIKVWDSNNIGAIK
TAIMNSNLGFGISCEATTIRLTVPDMTQDMRKNLVKLLGKISEDCRVSIRNIRRDIMDRLKVMQDSKEISEDDLRVAGVE
IQKITDDIMKKVNDAFTSKEKELLHVGHHHHHH
;
_entity_poly.pdbx_strand_id   A,B
#
loop_
_chem_comp.id
_chem_comp.type
_chem_comp.name
_chem_comp.formula
CL non-polymer 'CHLORIDE ION' 'Cl -1'
#
# COMPACT_ATOMS: atom_id res chain seq x y z
N MET A 2 -0.04 1.39 -21.76
CA MET A 2 1.41 1.24 -21.72
C MET A 2 1.81 0.13 -20.75
N ILE A 3 2.41 -0.95 -21.28
CA ILE A 3 2.93 -2.01 -20.41
C ILE A 3 4.05 -1.47 -19.52
N SER A 4 4.81 -0.49 -20.01
CA SER A 4 5.91 0.07 -19.22
C SER A 4 5.41 0.62 -17.90
N GLU A 5 4.24 1.26 -17.89
CA GLU A 5 3.67 1.79 -16.66
C GLU A 5 3.07 0.71 -15.78
N VAL A 6 2.70 -0.44 -16.34
CA VAL A 6 2.14 -1.52 -15.53
C VAL A 6 3.24 -2.37 -14.89
N LYS A 7 4.41 -2.48 -15.53
CA LYS A 7 5.50 -3.27 -14.97
C LYS A 7 6.10 -2.60 -13.74
N GLN A 8 6.00 -1.27 -13.64
CA GLN A 8 6.53 -0.57 -12.48
C GLN A 8 5.57 -0.59 -11.30
N ASP A 9 4.26 -0.74 -11.55
CA ASP A 9 3.30 -0.90 -10.45
C ASP A 9 3.55 -2.19 -9.70
N ALA A 10 4.02 -3.23 -10.39
CA ALA A 10 4.37 -4.48 -9.72
C ALA A 10 5.50 -4.27 -8.73
N LYS A 11 6.66 -3.83 -9.21
CA LYS A 11 7.81 -3.65 -8.31
C LYS A 11 7.52 -2.62 -7.23
N SER A 12 6.82 -1.54 -7.59
CA SER A 12 6.49 -0.51 -6.61
C SER A 12 5.58 -1.06 -5.50
N ARG A 13 4.48 -1.71 -5.88
CA ARG A 13 3.59 -2.25 -4.88
C ARG A 13 4.25 -3.38 -4.08
N MET A 14 5.08 -4.20 -4.74
CA MET A 14 5.72 -5.30 -4.03
C MET A 14 6.78 -4.80 -3.06
N GLU A 15 7.64 -3.87 -3.52
CA GLU A 15 8.65 -3.32 -2.62
C GLU A 15 8.00 -2.60 -1.45
N LYS A 16 6.99 -1.78 -1.72
CA LYS A 16 6.28 -1.07 -0.66
C LYS A 16 5.69 -2.05 0.34
N SER A 17 5.18 -3.18 -0.13
CA SER A 17 4.56 -4.14 0.78
C SER A 17 5.62 -4.83 1.64
N LEU A 18 6.67 -5.34 1.01
CA LEU A 18 7.79 -5.89 1.78
C LEU A 18 8.32 -4.86 2.77
N SER A 19 8.37 -3.59 2.35
CA SER A 19 8.85 -2.53 3.23
C SER A 19 7.94 -2.37 4.44
N VAL A 20 6.62 -2.51 4.23
CA VAL A 20 5.68 -2.41 5.34
C VAL A 20 5.88 -3.56 6.32
N TYR A 21 6.07 -4.78 5.80
CA TYR A 21 6.19 -5.94 6.68
C TYR A 21 7.52 -5.99 7.41
N LEU A 22 8.61 -5.48 6.83
CA LEU A 22 9.86 -5.43 7.56
C LEU A 22 9.76 -4.47 8.74
N SER A 23 9.18 -3.28 8.51
CA SER A 23 9.00 -2.33 9.60
C SER A 23 8.12 -2.91 10.71
N ASP A 24 7.13 -3.72 10.34
CA ASP A 24 6.24 -4.28 11.35
C ASP A 24 6.94 -5.32 12.21
N ILE A 25 7.76 -6.18 11.59
CA ILE A 25 8.45 -7.21 12.35
C ILE A 25 9.69 -6.67 13.04
N ASP A 26 10.26 -5.56 12.55
CA ASP A 26 11.51 -5.03 13.11
C ASP A 26 11.37 -4.74 14.60
N GLY A 27 10.16 -4.41 15.06
CA GLY A 27 9.93 -4.08 16.44
C GLY A 27 9.55 -5.24 17.35
N ILE A 28 9.17 -6.39 16.76
CA ILE A 28 8.91 -7.58 17.55
C ILE A 28 10.13 -7.92 18.40
N ARG A 29 9.92 -8.01 19.73
CA ARG A 29 11.00 -8.25 20.66
C ARG A 29 11.43 -9.71 20.63
N THR A 30 12.71 -9.95 20.94
CA THR A 30 13.35 -11.24 20.75
C THR A 30 14.06 -11.77 22.00
N GLY A 31 14.07 -11.03 23.10
CA GLY A 31 14.92 -11.40 24.21
C GLY A 31 16.22 -10.62 24.22
N ARG A 32 16.93 -10.64 23.09
CA ARG A 32 18.17 -9.89 22.96
C ARG A 32 17.90 -8.39 22.92
N ALA A 33 18.76 -7.61 23.54
CA ALA A 33 18.62 -6.15 23.53
C ALA A 33 19.01 -5.59 22.17
N ARG A 34 18.19 -4.70 21.65
CA ARG A 34 18.39 -4.10 20.33
C ARG A 34 18.00 -2.63 20.39
N THR A 35 18.86 -1.77 19.82
CA THR A 35 18.62 -0.33 19.91
C THR A 35 17.38 0.09 19.12
N SER A 36 17.03 -0.64 18.06
CA SER A 36 15.89 -0.28 17.23
C SER A 36 14.56 -0.40 17.95
N VAL A 37 14.50 -1.14 19.06
CA VAL A 37 13.26 -1.20 19.84
C VAL A 37 12.87 0.20 20.31
N LEU A 38 13.85 1.05 20.56
CA LEU A 38 13.62 2.44 20.92
C LEU A 38 13.47 3.35 19.70
N ASN A 39 13.72 2.83 18.50
CA ASN A 39 13.47 3.61 17.30
C ASN A 39 12.01 3.99 17.25
N GLY A 40 11.75 5.30 17.32
CA GLY A 40 10.39 5.76 17.38
C GLY A 40 9.89 6.09 18.77
N ILE A 41 10.76 6.10 19.78
CA ILE A 41 10.37 6.75 21.01
C ILE A 41 10.35 8.25 20.77
N VAL A 42 9.21 8.86 21.05
CA VAL A 42 9.01 10.29 20.80
C VAL A 42 9.04 10.98 22.15
N VAL A 43 9.96 11.93 22.29
CA VAL A 43 10.18 12.69 23.51
C VAL A 43 9.69 14.10 23.27
N GLU A 44 8.99 14.66 24.24
CA GLU A 44 8.51 16.03 24.16
C GLU A 44 9.52 16.93 24.86
N THR A 45 10.26 17.70 24.06
CA THR A 45 11.26 18.63 24.55
C THR A 45 11.61 19.57 23.40
N TYR A 46 12.20 20.72 23.77
CA TYR A 46 12.62 21.73 22.80
C TYR A 46 11.43 22.26 21.98
N GLY A 47 10.29 22.41 22.64
CA GLY A 47 9.12 23.00 22.01
C GLY A 47 8.27 22.08 21.17
N GLY A 48 8.64 20.80 21.06
CA GLY A 48 7.85 19.89 20.27
C GLY A 48 8.12 18.43 20.60
N ARG A 49 8.16 17.61 19.56
CA ARG A 49 8.34 16.17 19.70
C ARG A 49 9.52 15.76 18.85
N VAL A 50 10.41 14.94 19.42
CA VAL A 50 11.65 14.56 18.73
C VAL A 50 11.88 13.06 18.92
N LYS A 51 12.54 12.46 17.95
CA LYS A 51 12.95 11.07 18.09
C LYS A 51 14.06 10.94 19.12
N LEU A 52 14.05 9.82 19.84
CA LEU A 52 14.98 9.64 20.95
C LEU A 52 16.43 9.73 20.50
N ASN A 53 16.74 9.24 19.30
CA ASN A 53 18.13 9.22 18.85
C ASN A 53 18.68 10.59 18.45
N THR A 54 17.84 11.61 18.37
CA THR A 54 18.33 12.94 18.05
C THR A 54 18.73 13.76 19.28
N ILE A 55 18.47 13.26 20.49
CA ILE A 55 18.76 14.01 21.71
C ILE A 55 19.52 13.13 22.70
N SER A 56 20.02 12.00 22.24
CA SER A 56 20.74 11.06 23.10
C SER A 56 21.41 10.02 22.21
N SER A 57 22.15 9.12 22.85
CA SER A 57 22.93 8.09 22.15
C SER A 57 22.61 6.77 22.82
N VAL A 58 22.15 5.82 22.03
CA VAL A 58 21.69 4.54 22.54
C VAL A 58 22.70 3.47 22.17
N SER A 59 22.93 2.52 23.07
CA SER A 59 23.88 1.45 22.81
C SER A 59 23.48 0.23 23.60
N VAL A 60 23.92 -0.93 23.13
CA VAL A 60 23.71 -2.20 23.83
C VAL A 60 24.88 -2.41 24.78
N SER A 61 24.58 -2.46 26.09
CA SER A 61 25.62 -2.70 27.09
C SER A 61 25.89 -4.20 27.27
N ASP A 62 24.85 -5.02 27.40
CA ASP A 62 25.00 -6.48 27.34
C ASP A 62 23.70 -7.06 26.75
N ASN A 63 23.56 -8.39 26.83
CA ASN A 63 22.43 -9.07 26.22
C ASN A 63 21.09 -8.50 26.67
N LYS A 64 21.01 -8.04 27.92
CA LYS A 64 19.75 -7.65 28.53
C LYS A 64 19.73 -6.19 28.95
N THR A 65 20.57 -5.34 28.36
CA THR A 65 20.70 -3.98 28.86
C THR A 65 21.04 -3.00 27.75
N LEU A 66 20.38 -1.85 27.75
CA LEU A 66 20.74 -0.72 26.90
C LEU A 66 21.13 0.47 27.77
N MET A 67 22.08 1.27 27.29
CA MET A 67 22.45 2.52 27.91
C MET A 67 22.05 3.68 27.01
N ILE A 68 21.53 4.73 27.62
CA ILE A 68 21.11 5.92 26.91
C ILE A 68 21.88 7.10 27.49
N LYS A 69 22.83 7.61 26.73
CA LYS A 69 23.57 8.81 27.11
C LYS A 69 22.80 10.04 26.67
N VAL A 70 22.34 10.83 27.64
CA VAL A 70 21.54 12.03 27.40
C VAL A 70 22.46 13.25 27.41
N TRP A 71 22.50 13.98 26.29
CA TRP A 71 23.43 15.09 26.14
C TRP A 71 23.04 16.30 26.97
N ASP A 72 21.74 16.64 26.98
CA ASP A 72 21.22 17.75 27.79
C ASP A 72 20.56 17.11 29.01
N SER A 73 21.12 17.40 30.20
CA SER A 73 20.67 16.72 31.42
C SER A 73 19.22 17.05 31.74
N ASN A 74 18.75 18.24 31.34
CA ASN A 74 17.34 18.61 31.45
C ASN A 74 16.40 17.72 30.64
N ASN A 75 16.92 16.83 29.79
CA ASN A 75 16.06 15.92 29.05
C ASN A 75 15.91 14.56 29.72
N ILE A 76 16.52 14.35 30.88
CA ILE A 76 16.54 13.01 31.46
C ILE A 76 15.14 12.60 31.91
N GLY A 77 14.44 13.47 32.62
CA GLY A 77 13.11 13.14 33.09
C GLY A 77 12.15 12.86 31.94
N ALA A 78 12.14 13.76 30.95
CA ALA A 78 11.28 13.60 29.79
C ALA A 78 11.56 12.30 29.04
N ILE A 79 12.82 11.87 28.99
CA ILE A 79 13.13 10.63 28.31
C ILE A 79 12.65 9.44 29.13
N LYS A 80 12.95 9.46 30.44
CA LYS A 80 12.45 8.41 31.33
C LYS A 80 10.93 8.30 31.25
N THR A 81 10.24 9.45 31.24
CA THR A 81 8.78 9.44 31.15
C THR A 81 8.31 8.83 29.82
N ALA A 82 8.92 9.25 28.71
CA ALA A 82 8.50 8.74 27.40
C ALA A 82 8.73 7.24 27.30
N ILE A 83 9.86 6.74 27.83
CA ILE A 83 10.13 5.31 27.72
C ILE A 83 9.16 4.51 28.58
N MET A 84 8.91 4.98 29.80
CA MET A 84 7.97 4.29 30.68
C MET A 84 6.58 4.22 30.05
N ASN A 85 6.11 5.35 29.50
CA ASN A 85 4.73 5.43 29.03
C ASN A 85 4.53 4.78 27.67
N SER A 86 5.59 4.33 27.01
CA SER A 86 5.42 3.44 25.87
C SER A 86 4.85 2.08 26.27
N ASN A 87 4.88 1.74 27.56
CA ASN A 87 4.41 0.46 28.10
C ASN A 87 5.26 -0.70 27.59
N LEU A 88 6.48 -0.41 27.11
CA LEU A 88 7.38 -1.49 26.74
C LEU A 88 7.90 -2.24 27.95
N GLY A 89 7.78 -1.67 29.16
CA GLY A 89 8.07 -2.41 30.37
C GLY A 89 9.53 -2.60 30.70
N PHE A 90 10.42 -1.75 30.18
CA PHE A 90 11.82 -1.81 30.56
C PHE A 90 12.00 -1.50 32.04
N GLY A 91 12.99 -2.15 32.66
CA GLY A 91 13.50 -1.67 33.93
C GLY A 91 14.26 -0.37 33.69
N ILE A 92 13.87 0.71 34.36
CA ILE A 92 14.46 2.02 34.14
C ILE A 92 15.17 2.48 35.41
N SER A 93 16.40 2.94 35.26
CA SER A 93 17.14 3.61 36.32
C SER A 93 18.13 4.55 35.68
N CYS A 94 18.74 5.41 36.49
CA CYS A 94 19.67 6.39 35.93
CA CYS A 94 19.63 6.44 35.95
C CYS A 94 20.83 6.64 36.91
N GLU A 95 21.95 7.00 36.33
CA GLU A 95 23.12 7.48 37.07
C GLU A 95 23.66 8.65 36.27
N ALA A 96 23.72 9.82 36.90
CA ALA A 96 24.25 11.03 36.27
C ALA A 96 23.45 11.30 35.00
N THR A 97 24.06 11.29 33.82
CA THR A 97 23.37 11.55 32.55
C THR A 97 23.21 10.29 31.70
N THR A 98 23.13 9.11 32.33
CA THR A 98 22.93 7.83 31.63
C THR A 98 21.70 7.12 32.18
N ILE A 99 20.77 6.79 31.30
CA ILE A 99 19.62 5.95 31.67
C ILE A 99 19.96 4.50 31.35
N ARG A 100 19.69 3.60 32.29
CA ARG A 100 19.91 2.18 32.09
C ARG A 100 18.56 1.49 31.92
N LEU A 101 18.42 0.74 30.83
CA LEU A 101 17.22 -0.05 30.54
C LEU A 101 17.58 -1.52 30.58
N THR A 102 16.86 -2.28 31.40
CA THR A 102 17.00 -3.73 31.40
C THR A 102 15.80 -4.33 30.68
N VAL A 103 16.08 -5.32 29.84
CA VAL A 103 15.10 -5.96 28.96
C VAL A 103 14.37 -7.03 29.76
N PRO A 104 13.04 -6.98 29.82
CA PRO A 104 12.32 -8.02 30.56
C PRO A 104 12.54 -9.39 29.93
N ASP A 105 12.55 -10.41 30.77
CA ASP A 105 12.72 -11.78 30.31
C ASP A 105 11.53 -12.19 29.46
N MET A 106 11.81 -12.98 28.43
CA MET A 106 10.78 -13.58 27.60
C MET A 106 10.57 -15.03 28.05
N THR A 107 9.37 -15.35 28.51
CA THR A 107 9.10 -16.71 28.95
C THR A 107 9.03 -17.68 27.78
N GLN A 108 8.98 -18.97 28.10
CA GLN A 108 8.94 -19.97 27.05
C GLN A 108 7.64 -19.88 26.26
N ASP A 109 6.51 -19.69 26.93
CA ASP A 109 5.24 -19.60 26.23
C ASP A 109 5.17 -18.35 25.38
N MET A 110 5.68 -17.23 25.91
CA MET A 110 5.68 -15.99 25.13
C MET A 110 6.51 -16.16 23.87
N ARG A 111 7.61 -16.91 23.96
CA ARG A 111 8.46 -17.14 22.79
C ARG A 111 7.76 -18.04 21.77
N LYS A 112 7.00 -19.04 22.23
CA LYS A 112 6.29 -19.90 21.28
C LYS A 112 5.15 -19.16 20.59
N ASN A 113 4.43 -18.30 21.33
CA ASN A 113 3.39 -17.51 20.71
C ASN A 113 3.95 -16.57 19.67
N LEU A 114 5.13 -16.00 19.92
CA LEU A 114 5.71 -15.10 18.94
C LEU A 114 6.24 -15.84 17.73
N VAL A 115 6.73 -17.07 17.92
CA VAL A 115 7.13 -17.88 16.77
C VAL A 115 5.93 -18.14 15.85
N LYS A 116 4.78 -18.44 16.45
CA LYS A 116 3.57 -18.69 15.68
C LYS A 116 3.07 -17.40 15.02
N LEU A 117 2.95 -16.32 15.80
CA LEU A 117 2.46 -15.06 15.25
C LEU A 117 3.39 -14.50 14.17
N LEU A 118 4.68 -14.80 14.25
CA LEU A 118 5.59 -14.32 13.21
C LEU A 118 5.45 -15.14 11.94
N GLY A 119 5.18 -16.45 12.08
CA GLY A 119 4.78 -17.24 10.94
C GLY A 119 3.52 -16.71 10.25
N LYS A 120 2.50 -16.33 11.04
CA LYS A 120 1.28 -15.81 10.43
C LYS A 120 1.55 -14.52 9.65
N ILE A 121 2.34 -13.62 10.24
CA ILE A 121 2.67 -12.36 9.55
C ILE A 121 3.48 -12.65 8.29
N SER A 122 4.38 -13.64 8.34
CA SER A 122 5.11 -14.03 7.13
C SER A 122 4.16 -14.44 6.02
N GLU A 123 3.05 -15.11 6.36
CA GLU A 123 2.12 -15.54 5.34
C GLU A 123 1.23 -14.38 4.88
N ASP A 124 0.87 -13.47 5.80
CA ASP A 124 0.20 -12.25 5.37
C ASP A 124 1.04 -11.48 4.35
N CYS A 125 2.37 -11.51 4.51
CA CYS A 125 3.23 -10.86 3.53
C CYS A 125 3.20 -11.58 2.18
N ARG A 126 3.38 -12.90 2.18
CA ARG A 126 3.31 -13.66 0.93
C ARG A 126 1.98 -13.43 0.23
N VAL A 127 0.89 -13.36 0.99
CA VAL A 127 -0.43 -13.19 0.37
C VAL A 127 -0.49 -11.86 -0.38
N SER A 128 0.02 -10.79 0.22
CA SER A 128 -0.03 -9.50 -0.47
C SER A 128 0.85 -9.50 -1.71
N ILE A 129 1.99 -10.21 -1.67
CA ILE A 129 2.88 -10.25 -2.82
C ILE A 129 2.23 -11.05 -3.95
N ARG A 130 1.63 -12.19 -3.63
CA ARG A 130 0.89 -12.94 -4.65
C ARG A 130 -0.32 -12.16 -5.15
N ASN A 131 -1.03 -11.49 -4.24
CA ASN A 131 -2.23 -10.74 -4.65
C ASN A 131 -1.87 -9.58 -5.55
N ILE A 132 -0.77 -8.89 -5.26
CA ILE A 132 -0.27 -7.87 -6.19
C ILE A 132 0.01 -8.49 -7.55
N ARG A 133 0.66 -9.65 -7.57
CA ARG A 133 0.98 -10.29 -8.84
C ARG A 133 -0.29 -10.65 -9.62
N ARG A 134 -1.26 -11.28 -8.94
CA ARG A 134 -2.53 -11.60 -9.59
C ARG A 134 -3.19 -10.35 -10.15
N ASP A 135 -3.16 -9.26 -9.40
CA ASP A 135 -3.84 -8.06 -9.85
C ASP A 135 -3.15 -7.46 -11.07
N ILE A 136 -1.83 -7.54 -11.13
CA ILE A 136 -1.10 -6.97 -12.27
C ILE A 136 -1.37 -7.77 -13.53
N MET A 137 -1.41 -9.10 -13.41
CA MET A 137 -1.77 -9.93 -14.57
C MET A 137 -3.21 -9.67 -15.01
N ASP A 138 -4.13 -9.53 -14.05
CA ASP A 138 -5.51 -9.20 -14.40
C ASP A 138 -5.58 -7.92 -15.21
N ARG A 139 -4.76 -6.92 -14.85
CA ARG A 139 -4.74 -5.67 -15.60
C ARG A 139 -4.22 -5.88 -17.02
N LEU A 140 -3.23 -6.75 -17.19
CA LEU A 140 -2.71 -7.01 -18.53
C LEU A 140 -3.70 -7.82 -19.36
N LYS A 141 -4.42 -8.75 -18.71
CA LYS A 141 -5.48 -9.46 -19.40
C LYS A 141 -6.56 -8.50 -19.87
N VAL A 142 -6.81 -7.42 -19.10
CA VAL A 142 -7.75 -6.39 -19.54
C VAL A 142 -7.23 -5.72 -20.81
N MET A 143 -5.97 -5.28 -20.78
CA MET A 143 -5.36 -4.64 -21.95
C MET A 143 -5.38 -5.55 -23.16
N GLN A 144 -5.06 -6.83 -22.96
CA GLN A 144 -5.01 -7.76 -24.07
C GLN A 144 -6.40 -8.10 -24.58
N ASP A 145 -7.39 -8.17 -23.69
CA ASP A 145 -8.78 -8.34 -24.13
C ASP A 145 -9.28 -7.09 -24.82
N SER A 146 -8.98 -5.92 -24.27
CA SER A 146 -9.32 -4.65 -24.90
C SER A 146 -8.57 -4.42 -26.24
N LYS A 147 -7.80 -5.41 -26.70
CA LYS A 147 -7.03 -5.34 -27.94
C LYS A 147 -5.96 -4.24 -27.90
N GLU A 148 -5.50 -3.91 -26.69
CA GLU A 148 -4.45 -2.92 -26.53
C GLU A 148 -3.05 -3.51 -26.65
N ILE A 149 -2.88 -4.77 -26.25
CA ILE A 149 -1.63 -5.50 -26.44
C ILE A 149 -1.94 -6.87 -26.98
N SER A 150 -0.94 -7.50 -27.59
CA SER A 150 -1.08 -8.82 -28.15
C SER A 150 -1.08 -9.88 -27.05
N GLU A 151 -1.17 -11.14 -27.46
CA GLU A 151 -0.96 -12.23 -26.51
C GLU A 151 0.51 -12.37 -26.16
N ASP A 152 1.40 -12.16 -27.15
CA ASP A 152 2.83 -12.24 -26.89
C ASP A 152 3.27 -11.22 -25.85
N ASP A 153 2.67 -10.03 -25.87
CA ASP A 153 2.99 -9.02 -24.86
C ASP A 153 2.57 -9.47 -23.47
N LEU A 154 1.55 -10.33 -23.37
CA LEU A 154 1.08 -10.79 -22.08
C LEU A 154 1.99 -11.87 -21.50
N ARG A 155 2.32 -12.87 -22.32
CA ARG A 155 3.18 -13.95 -21.84
C ARG A 155 4.56 -13.43 -21.45
N VAL A 156 5.13 -12.55 -22.28
CA VAL A 156 6.48 -12.03 -22.03
C VAL A 156 6.53 -11.25 -20.72
N ALA A 157 5.63 -10.27 -20.57
CA ALA A 157 5.59 -9.51 -19.32
C ALA A 157 5.22 -10.40 -18.14
N GLY A 158 4.45 -11.47 -18.38
CA GLY A 158 4.14 -12.40 -17.31
C GLY A 158 5.36 -13.13 -16.80
N VAL A 159 6.25 -13.55 -17.71
CA VAL A 159 7.48 -14.20 -17.30
C VAL A 159 8.36 -13.22 -16.52
N GLU A 160 8.50 -11.99 -17.02
CA GLU A 160 9.33 -11.00 -16.35
C GLU A 160 8.80 -10.68 -14.96
N ILE A 161 7.48 -10.60 -14.81
CA ILE A 161 6.89 -10.24 -13.52
C ILE A 161 6.90 -11.44 -12.58
N GLN A 162 6.71 -12.65 -13.10
CA GLN A 162 6.87 -13.84 -12.27
C GLN A 162 8.31 -13.97 -11.77
N LYS A 163 9.27 -13.39 -12.48
CA LYS A 163 10.65 -13.38 -12.01
C LYS A 163 10.86 -12.31 -10.93
N ILE A 164 10.20 -11.15 -11.08
CA ILE A 164 10.28 -10.11 -10.06
C ILE A 164 9.61 -10.58 -8.77
N THR A 165 8.48 -11.29 -8.90
CA THR A 165 7.79 -11.81 -7.72
C THR A 165 8.66 -12.81 -6.96
N ASP A 166 9.35 -13.69 -7.69
CA ASP A 166 10.15 -14.73 -7.04
C ASP A 166 11.35 -14.14 -6.31
N ASP A 167 11.99 -13.13 -6.90
CA ASP A 167 13.11 -12.49 -6.21
C ASP A 167 12.63 -11.74 -4.97
N ILE A 168 11.50 -11.03 -5.07
CA ILE A 168 10.96 -10.32 -3.92
C ILE A 168 10.56 -11.29 -2.83
N MET A 169 10.03 -12.45 -3.22
CA MET A 169 9.60 -13.46 -2.24
C MET A 169 10.80 -14.04 -1.49
N LYS A 170 11.93 -14.23 -2.17
CA LYS A 170 13.12 -14.73 -1.49
C LYS A 170 13.56 -13.78 -0.39
N LYS A 171 13.48 -12.48 -0.63
CA LYS A 171 13.72 -11.51 0.43
C LYS A 171 12.74 -11.70 1.58
N VAL A 172 11.48 -11.98 1.27
CA VAL A 172 10.47 -12.18 2.32
C VAL A 172 10.81 -13.40 3.16
N ASN A 173 11.19 -14.50 2.51
CA ASN A 173 11.50 -15.71 3.26
C ASN A 173 12.79 -15.56 4.06
N ASP A 174 13.79 -14.87 3.50
CA ASP A 174 15.03 -14.65 4.25
C ASP A 174 14.80 -13.76 5.46
N ALA A 175 14.00 -12.71 5.31
CA ALA A 175 13.75 -11.78 6.40
C ALA A 175 13.01 -12.46 7.55
N PHE A 176 11.95 -13.20 7.23
CA PHE A 176 11.18 -13.85 8.26
C PHE A 176 11.92 -15.04 8.87
N THR A 177 12.75 -15.74 8.08
CA THR A 177 13.58 -16.78 8.67
C THR A 177 14.61 -16.19 9.62
N SER A 178 15.25 -15.08 9.21
CA SER A 178 16.25 -14.42 10.07
C SER A 178 15.63 -13.97 11.38
N LYS A 179 14.44 -13.38 11.33
CA LYS A 179 13.81 -12.95 12.58
C LYS A 179 13.45 -14.16 13.45
N GLU A 180 13.03 -15.27 12.83
CA GLU A 180 12.70 -16.46 13.62
C GLU A 180 13.94 -16.99 14.33
N LYS A 181 15.11 -16.93 13.69
CA LYS A 181 16.34 -17.39 14.33
C LYS A 181 16.66 -16.54 15.56
N GLU A 182 16.38 -15.24 15.52
CA GLU A 182 16.59 -14.41 16.71
C GLU A 182 15.68 -14.82 17.84
N LEU A 183 14.43 -15.19 17.54
CA LEU A 183 13.54 -15.68 18.57
C LEU A 183 14.04 -16.99 19.15
N LEU A 184 14.46 -17.91 18.28
CA LEU A 184 14.72 -19.28 18.72
C LEU A 184 16.00 -19.40 19.53
N HIS A 185 17.00 -18.56 19.26
CA HIS A 185 18.30 -18.67 19.89
C HIS A 185 18.35 -17.92 21.22
N VAL A 186 19.38 -18.21 22.01
CA VAL A 186 19.58 -17.56 23.31
C VAL A 186 20.91 -16.82 23.37
N MET B 1 3.74 0.66 17.98
CA MET B 1 3.77 0.13 19.34
C MET B 1 2.64 0.72 20.19
N MET B 2 2.09 1.84 19.76
CA MET B 2 0.83 2.36 20.30
C MET B 2 -0.35 1.86 19.47
N ILE B 3 -1.44 1.52 20.16
CA ILE B 3 -2.63 1.01 19.49
C ILE B 3 -3.15 2.03 18.47
N SER B 4 -3.14 3.31 18.85
CA SER B 4 -3.59 4.37 17.96
C SER B 4 -2.83 4.36 16.64
N GLU B 5 -1.52 4.13 16.69
CA GLU B 5 -0.73 4.08 15.47
C GLU B 5 -1.06 2.84 14.64
N VAL B 6 -1.28 1.70 15.29
CA VAL B 6 -1.67 0.49 14.58
C VAL B 6 -3.00 0.71 13.85
N LYS B 7 -3.98 1.34 14.53
CA LYS B 7 -5.26 1.65 13.90
C LYS B 7 -5.10 2.55 12.69
N GLN B 8 -4.29 3.61 12.82
CA GLN B 8 -3.99 4.48 11.69
C GLN B 8 -3.29 3.71 10.57
N ASP B 9 -2.51 2.68 10.88
CA ASP B 9 -1.90 1.88 9.84
C ASP B 9 -2.97 1.13 9.04
N ALA B 10 -3.89 0.46 9.74
CA ALA B 10 -5.00 -0.23 9.11
C ALA B 10 -5.71 0.69 8.13
N LYS B 11 -6.17 1.84 8.61
CA LYS B 11 -6.86 2.81 7.76
C LYS B 11 -6.03 3.17 6.54
N SER B 12 -4.79 3.64 6.76
CA SER B 12 -3.95 4.07 5.65
C SER B 12 -3.72 2.96 4.62
N ARG B 13 -3.48 1.73 5.08
CA ARG B 13 -3.15 0.67 4.14
C ARG B 13 -4.39 0.20 3.39
N MET B 14 -5.54 0.18 4.05
CA MET B 14 -6.76 -0.21 3.36
C MET B 14 -7.23 0.86 2.39
N GLU B 15 -7.00 2.14 2.72
CA GLU B 15 -7.29 3.21 1.78
C GLU B 15 -6.35 3.19 0.59
N LYS B 16 -5.13 2.67 0.77
CA LYS B 16 -4.23 2.53 -0.38
C LYS B 16 -4.71 1.40 -1.29
N SER B 17 -5.18 0.30 -0.72
CA SER B 17 -5.77 -0.77 -1.51
C SER B 17 -7.01 -0.28 -2.24
N LEU B 18 -7.88 0.47 -1.54
CA LEU B 18 -9.07 0.99 -2.19
C LEU B 18 -8.71 1.88 -3.36
N SER B 19 -7.77 2.80 -3.14
CA SER B 19 -7.38 3.74 -4.18
C SER B 19 -6.76 3.01 -5.37
N VAL B 20 -6.01 1.93 -5.12
CA VAL B 20 -5.34 1.23 -6.20
C VAL B 20 -6.35 0.49 -7.06
N TYR B 21 -7.36 -0.11 -6.44
CA TYR B 21 -8.38 -0.87 -7.17
CA TYR B 21 -8.28 -0.87 -7.27
C TYR B 21 -9.28 0.04 -7.99
N LEU B 22 -9.61 1.21 -7.44
CA LEU B 22 -10.41 2.19 -8.20
C LEU B 22 -9.72 2.56 -9.50
N SER B 23 -8.39 2.69 -9.47
CA SER B 23 -7.66 3.03 -10.68
C SER B 23 -7.54 1.84 -11.63
N ASP B 24 -7.49 0.62 -11.08
CA ASP B 24 -7.53 -0.58 -11.92
C ASP B 24 -8.81 -0.61 -12.75
N ILE B 25 -9.96 -0.45 -12.11
CA ILE B 25 -11.21 -0.57 -12.85
C ILE B 25 -11.48 0.64 -13.73
N ASP B 26 -10.82 1.77 -13.47
CA ASP B 26 -10.95 2.92 -14.35
C ASP B 26 -10.37 2.64 -15.73
N GLY B 27 -9.45 1.69 -15.83
CA GLY B 27 -8.87 1.32 -17.11
C GLY B 27 -9.66 0.30 -17.90
N ILE B 28 -10.84 -0.08 -17.41
CA ILE B 28 -11.69 -1.05 -18.09
C ILE B 28 -12.67 -0.29 -18.99
N ARG B 29 -12.51 -0.46 -20.31
CA ARG B 29 -13.47 0.08 -21.26
C ARG B 29 -14.86 -0.48 -21.01
N THR B 30 -15.89 0.35 -21.25
CA THR B 30 -17.27 -0.02 -21.02
C THR B 30 -18.14 0.04 -22.27
N GLY B 31 -17.58 0.40 -23.43
CA GLY B 31 -18.35 0.59 -24.63
C GLY B 31 -19.13 1.88 -24.68
N ARG B 32 -19.27 2.60 -23.56
CA ARG B 32 -19.99 3.86 -23.51
C ARG B 32 -19.01 5.02 -23.35
N ALA B 33 -19.40 6.19 -23.84
CA ALA B 33 -18.55 7.38 -23.78
C ALA B 33 -18.55 7.95 -22.36
N ARG B 34 -17.36 8.09 -21.78
CA ARG B 34 -17.19 8.66 -20.44
C ARG B 34 -16.03 9.64 -20.48
N THR B 35 -16.26 10.86 -19.99
CA THR B 35 -15.21 11.89 -20.07
C THR B 35 -14.02 11.54 -19.19
N SER B 36 -14.23 10.80 -18.10
CA SER B 36 -13.14 10.49 -17.16
C SER B 36 -12.00 9.73 -17.81
N VAL B 37 -12.23 9.14 -18.99
CA VAL B 37 -11.20 8.37 -19.67
C VAL B 37 -10.03 9.26 -20.08
N LEU B 38 -10.30 10.56 -20.31
CA LEU B 38 -9.30 11.52 -20.76
C LEU B 38 -8.72 12.36 -19.62
N ASN B 39 -8.94 11.96 -18.37
CA ASN B 39 -8.52 12.80 -17.24
C ASN B 39 -7.01 12.92 -17.17
N GLY B 40 -6.28 11.83 -17.44
CA GLY B 40 -4.85 11.87 -17.29
C GLY B 40 -4.08 12.34 -18.50
N ILE B 41 -4.78 12.74 -19.57
CA ILE B 41 -4.14 13.08 -20.83
C ILE B 41 -3.28 14.33 -20.65
N VAL B 42 -1.98 14.20 -20.91
CA VAL B 42 -1.04 15.30 -20.87
C VAL B 42 -0.61 15.61 -22.30
N VAL B 43 -0.67 16.89 -22.67
CA VAL B 43 -0.48 17.32 -24.05
C VAL B 43 0.81 18.13 -24.14
N GLU B 44 1.68 17.76 -25.08
CA GLU B 44 2.88 18.53 -25.37
C GLU B 44 2.53 19.60 -26.39
N THR B 45 2.47 20.84 -25.95
CA THR B 45 2.21 21.98 -26.82
C THR B 45 2.72 23.22 -26.09
N TYR B 46 2.86 24.31 -26.85
CA TYR B 46 3.45 25.56 -26.34
C TYR B 46 4.84 25.35 -25.72
N GLY B 47 5.59 24.37 -26.21
CA GLY B 47 6.91 24.08 -25.69
C GLY B 47 6.94 23.43 -24.33
N GLY B 48 5.79 23.06 -23.76
CA GLY B 48 5.75 22.44 -22.44
C GLY B 48 4.74 21.32 -22.35
N ARG B 49 4.18 21.10 -21.15
CA ARG B 49 3.20 20.04 -20.91
C ARG B 49 2.02 20.61 -20.15
N VAL B 50 0.80 20.40 -20.67
CA VAL B 50 -0.42 20.90 -20.05
C VAL B 50 -1.43 19.77 -19.96
N LYS B 51 -2.26 19.80 -18.92
CA LYS B 51 -3.38 18.88 -18.85
C LYS B 51 -4.32 19.16 -20.02
N LEU B 52 -4.88 18.09 -20.59
CA LEU B 52 -5.80 18.21 -21.72
C LEU B 52 -6.92 19.20 -21.44
N ASN B 53 -7.47 19.18 -20.21
CA ASN B 53 -8.62 20.01 -19.87
C ASN B 53 -8.27 21.45 -19.50
N THR B 54 -7.00 21.87 -19.62
CA THR B 54 -6.71 23.30 -19.53
C THR B 54 -6.65 23.97 -20.90
N ILE B 55 -6.49 23.21 -21.98
CA ILE B 55 -6.51 23.75 -23.34
C ILE B 55 -7.76 23.31 -24.09
N SER B 56 -8.66 22.58 -23.45
CA SER B 56 -9.86 22.09 -24.14
C SER B 56 -10.95 21.80 -23.13
N SER B 57 -12.12 21.42 -23.65
CA SER B 57 -13.28 21.13 -22.82
C SER B 57 -13.98 19.89 -23.40
N VAL B 58 -14.03 18.82 -22.62
CA VAL B 58 -14.53 17.53 -23.09
C VAL B 58 -15.98 17.38 -22.67
N SER B 59 -16.84 16.99 -23.62
CA SER B 59 -18.23 16.70 -23.36
C SER B 59 -18.60 15.36 -23.98
N VAL B 60 -19.73 14.83 -23.55
CA VAL B 60 -20.29 13.59 -24.10
C VAL B 60 -21.34 13.98 -25.14
N SER B 61 -21.12 13.58 -26.39
CA SER B 61 -22.00 13.93 -27.51
C SER B 61 -23.19 12.96 -27.62
N ASP B 62 -22.93 11.66 -27.66
CA ASP B 62 -23.98 10.65 -27.56
C ASP B 62 -23.40 9.45 -26.83
N ASN B 63 -24.01 8.28 -27.01
CA ASN B 63 -23.59 7.09 -26.27
C ASN B 63 -22.17 6.68 -26.61
N LYS B 64 -21.75 6.84 -27.87
CA LYS B 64 -20.49 6.29 -28.35
C LYS B 64 -19.54 7.37 -28.85
N THR B 65 -19.66 8.60 -28.33
CA THR B 65 -18.98 9.73 -28.93
C THR B 65 -18.63 10.77 -27.87
N LEU B 66 -17.38 11.25 -27.91
CA LEU B 66 -16.93 12.39 -27.11
C LEU B 66 -16.65 13.57 -28.04
N MET B 67 -16.94 14.78 -27.55
CA MET B 67 -16.65 16.02 -28.26
C MET B 67 -15.65 16.84 -27.45
N ILE B 68 -14.52 17.18 -28.08
CA ILE B 68 -13.48 17.98 -27.45
C ILE B 68 -13.42 19.32 -28.16
N LYS B 69 -13.81 20.39 -27.47
CA LYS B 69 -13.68 21.74 -28.01
C LYS B 69 -12.28 22.26 -27.71
N VAL B 70 -11.47 22.38 -28.76
CA VAL B 70 -10.09 22.85 -28.63
C VAL B 70 -10.10 24.36 -28.84
N TRP B 71 -9.95 25.12 -27.74
CA TRP B 71 -10.08 26.57 -27.83
C TRP B 71 -9.05 27.17 -28.78
N ASP B 72 -7.79 26.77 -28.66
CA ASP B 72 -6.74 27.19 -29.60
C ASP B 72 -6.63 26.13 -30.69
N SER B 73 -7.19 26.42 -31.87
CA SER B 73 -7.25 25.43 -32.94
C SER B 73 -5.86 24.92 -33.35
N ASN B 74 -4.82 25.74 -33.15
CA ASN B 74 -3.42 25.35 -33.35
C ASN B 74 -3.00 24.16 -32.49
N ASN B 75 -3.79 23.77 -31.48
CA ASN B 75 -3.47 22.65 -30.60
C ASN B 75 -4.06 21.32 -31.06
N ILE B 76 -4.82 21.30 -32.15
CA ILE B 76 -5.55 20.08 -32.53
C ILE B 76 -4.59 18.93 -32.82
N GLY B 77 -3.50 19.21 -33.54
CA GLY B 77 -2.52 18.16 -33.81
C GLY B 77 -1.93 17.59 -32.52
N ALA B 78 -1.47 18.48 -31.64
CA ALA B 78 -0.84 18.05 -30.39
C ALA B 78 -1.82 17.28 -29.50
N ILE B 79 -3.11 17.65 -29.53
CA ILE B 79 -4.08 16.91 -28.73
C ILE B 79 -4.35 15.54 -29.36
N LYS B 80 -4.50 15.49 -30.69
CA LYS B 80 -4.69 14.20 -31.38
C LYS B 80 -3.54 13.25 -31.09
N THR B 81 -2.30 13.75 -31.18
CA THR B 81 -1.13 12.95 -30.84
C THR B 81 -1.22 12.41 -29.42
N ALA B 82 -1.52 13.28 -28.46
CA ALA B 82 -1.59 12.89 -27.06
C ALA B 82 -2.60 11.78 -26.83
N ILE B 83 -3.80 11.92 -27.41
CA ILE B 83 -4.85 10.92 -27.22
C ILE B 83 -4.45 9.60 -27.87
N MET B 84 -3.99 9.64 -29.12
CA MET B 84 -3.60 8.40 -29.79
C MET B 84 -2.42 7.73 -29.12
N ASN B 85 -1.52 8.53 -28.52
CA ASN B 85 -0.37 7.92 -27.86
C ASN B 85 -0.77 7.23 -26.56
N SER B 86 -1.84 7.67 -25.92
CA SER B 86 -2.30 7.00 -24.72
C SER B 86 -2.95 5.64 -25.00
N ASN B 87 -3.10 5.27 -26.27
CA ASN B 87 -3.51 3.93 -26.67
C ASN B 87 -4.86 3.54 -26.03
N LEU B 88 -5.81 4.47 -26.09
CA LEU B 88 -7.14 4.25 -25.54
C LEU B 88 -8.13 3.72 -26.57
N GLY B 89 -7.71 3.56 -27.82
CA GLY B 89 -8.54 2.90 -28.81
C GLY B 89 -9.61 3.74 -29.48
N PHE B 90 -9.51 5.07 -29.42
CA PHE B 90 -10.57 5.91 -29.96
C PHE B 90 -10.51 5.99 -31.48
N GLY B 91 -11.69 6.05 -32.10
CA GLY B 91 -11.79 6.61 -33.44
C GLY B 91 -11.74 8.13 -33.35
N ILE B 92 -11.13 8.75 -34.36
CA ILE B 92 -10.82 10.18 -34.28
C ILE B 92 -11.04 10.82 -35.63
N SER B 93 -11.66 12.01 -35.60
CA SER B 93 -11.77 12.86 -36.76
C SER B 93 -11.74 14.31 -36.29
N CYS B 94 -11.33 15.20 -37.19
CA CYS B 94 -11.19 16.62 -36.88
C CYS B 94 -12.23 17.42 -37.66
N GLU B 95 -12.52 18.62 -37.13
CA GLU B 95 -13.48 19.54 -37.75
C GLU B 95 -13.41 20.92 -37.09
N ALA B 96 -12.71 21.85 -37.74
CA ALA B 96 -12.58 23.24 -37.28
C ALA B 96 -11.81 23.33 -35.98
N THR B 97 -12.52 23.49 -34.85
CA THR B 97 -11.92 23.54 -33.53
C THR B 97 -12.43 22.41 -32.65
N THR B 98 -12.65 21.24 -33.25
CA THR B 98 -13.39 20.16 -32.60
C THR B 98 -12.77 18.83 -32.96
N ILE B 99 -12.66 17.95 -31.97
CA ILE B 99 -12.16 16.59 -32.15
C ILE B 99 -13.28 15.64 -31.76
N ARG B 100 -13.73 14.84 -32.72
CA ARG B 100 -14.77 13.83 -32.47
C ARG B 100 -14.07 12.53 -32.12
N LEU B 101 -14.38 11.99 -30.94
CA LEU B 101 -13.86 10.68 -30.53
C LEU B 101 -15.02 9.71 -30.50
N THR B 102 -14.92 8.63 -31.27
CA THR B 102 -15.88 7.53 -31.19
C THR B 102 -15.31 6.44 -30.29
N VAL B 103 -16.10 6.01 -29.32
CA VAL B 103 -15.70 4.91 -28.44
C VAL B 103 -15.56 3.64 -29.26
N PRO B 104 -14.52 2.83 -29.04
CA PRO B 104 -14.42 1.55 -29.75
C PRO B 104 -15.56 0.61 -29.37
N ASP B 105 -16.27 0.11 -30.37
CA ASP B 105 -17.38 -0.78 -30.09
C ASP B 105 -16.88 -2.06 -29.42
N MET B 106 -17.71 -2.60 -28.55
CA MET B 106 -17.34 -3.73 -27.71
C MET B 106 -18.24 -4.90 -28.04
N THR B 107 -17.63 -6.03 -28.38
CA THR B 107 -18.42 -7.23 -28.64
C THR B 107 -18.96 -7.80 -27.34
N GLN B 108 -19.98 -8.66 -27.48
CA GLN B 108 -20.54 -9.32 -26.30
C GLN B 108 -19.53 -10.27 -25.67
N ASP B 109 -18.59 -10.80 -26.46
CA ASP B 109 -17.56 -11.66 -25.89
C ASP B 109 -16.53 -10.86 -25.11
N MET B 110 -16.10 -9.71 -25.65
CA MET B 110 -15.25 -8.80 -24.87
C MET B 110 -15.93 -8.40 -23.58
N ARG B 111 -17.16 -7.87 -23.69
CA ARG B 111 -17.92 -7.47 -22.50
C ARG B 111 -18.02 -8.60 -21.49
N LYS B 112 -18.29 -9.83 -21.95
CA LYS B 112 -18.32 -10.97 -21.03
C LYS B 112 -16.98 -11.14 -20.32
N ASN B 113 -15.88 -11.04 -21.07
CA ASN B 113 -14.56 -11.20 -20.48
C ASN B 113 -14.28 -10.10 -19.47
N LEU B 114 -14.60 -8.85 -19.83
CA LEU B 114 -14.32 -7.73 -18.93
C LEU B 114 -15.14 -7.85 -17.65
N VAL B 115 -16.39 -8.31 -17.75
CA VAL B 115 -17.18 -8.55 -16.54
C VAL B 115 -16.45 -9.54 -15.64
N LYS B 116 -15.99 -10.66 -16.22
CA LYS B 116 -15.28 -11.65 -15.41
C LYS B 116 -14.03 -11.07 -14.79
N LEU B 117 -13.25 -10.29 -15.56
CA LEU B 117 -12.03 -9.71 -15.04
C LEU B 117 -12.31 -8.65 -13.98
N LEU B 118 -13.38 -7.88 -14.16
CA LEU B 118 -13.79 -6.93 -13.13
C LEU B 118 -14.07 -7.64 -11.81
N GLY B 119 -14.75 -8.79 -11.88
CA GLY B 119 -15.00 -9.56 -10.67
C GLY B 119 -13.73 -10.08 -10.02
N LYS B 120 -12.74 -10.45 -10.83
CA LYS B 120 -11.47 -10.91 -10.28
C LYS B 120 -10.70 -9.76 -9.65
N ILE B 121 -10.59 -8.64 -10.36
CA ILE B 121 -9.91 -7.46 -9.84
C ILE B 121 -10.59 -6.99 -8.56
N SER B 122 -11.91 -7.07 -8.52
CA SER B 122 -12.65 -6.67 -7.32
C SER B 122 -12.34 -7.60 -6.16
N GLU B 123 -12.23 -8.89 -6.43
CA GLU B 123 -11.98 -9.83 -5.35
C GLU B 123 -10.53 -9.77 -4.89
N ASP B 124 -9.62 -9.43 -5.78
CA ASP B 124 -8.24 -9.17 -5.37
C ASP B 124 -8.18 -8.05 -4.36
N CYS B 125 -8.97 -7.00 -4.58
CA CYS B 125 -9.04 -5.89 -3.63
C CYS B 125 -9.55 -6.37 -2.28
N ARG B 126 -10.61 -7.19 -2.28
CA ARG B 126 -11.15 -7.69 -1.01
C ARG B 126 -10.14 -8.57 -0.28
N VAL B 127 -9.41 -9.41 -1.01
CA VAL B 127 -8.37 -10.24 -0.40
C VAL B 127 -7.33 -9.36 0.27
N SER B 128 -6.93 -8.27 -0.41
CA SER B 128 -5.96 -7.35 0.16
C SER B 128 -6.47 -6.73 1.46
N ILE B 129 -7.72 -6.26 1.46
CA ILE B 129 -8.30 -5.62 2.64
C ILE B 129 -8.37 -6.60 3.80
N ARG B 130 -8.85 -7.82 3.54
CA ARG B 130 -8.97 -8.83 4.59
C ARG B 130 -7.59 -9.26 5.10
N ASN B 131 -6.63 -9.42 4.20
CA ASN B 131 -5.25 -9.72 4.60
C ASN B 131 -4.71 -8.61 5.52
N ILE B 132 -4.95 -7.34 5.17
CA ILE B 132 -4.47 -6.24 6.01
C ILE B 132 -5.11 -6.32 7.39
N ARG B 133 -6.41 -6.59 7.45
CA ARG B 133 -7.07 -6.72 8.75
C ARG B 133 -6.43 -7.83 9.57
N ARG B 134 -6.24 -9.02 8.97
CA ARG B 134 -5.57 -10.11 9.65
C ARG B 134 -4.16 -9.72 10.11
N ASP B 135 -3.43 -9.00 9.27
CA ASP B 135 -2.06 -8.60 9.62
C ASP B 135 -2.06 -7.64 10.80
N ILE B 136 -2.91 -6.62 10.75
CA ILE B 136 -3.03 -5.68 11.85
C ILE B 136 -3.43 -6.40 13.13
N MET B 137 -4.36 -7.34 13.03
CA MET B 137 -4.78 -8.10 14.22
C MET B 137 -3.64 -8.95 14.77
N ASP B 138 -2.79 -9.49 13.91
CA ASP B 138 -1.62 -10.23 14.36
C ASP B 138 -0.64 -9.31 15.07
N ARG B 139 -0.45 -8.09 14.55
CA ARG B 139 0.42 -7.13 15.22
C ARG B 139 -0.10 -6.78 16.60
N LEU B 140 -1.42 -6.61 16.75
CA LEU B 140 -1.98 -6.37 18.06
C LEU B 140 -1.76 -7.56 18.98
N LYS B 141 -1.93 -8.78 18.44
CA LYS B 141 -1.69 -9.96 19.25
C LYS B 141 -0.22 -10.07 19.70
N VAL B 142 0.73 -9.63 18.86
CA VAL B 142 2.13 -9.57 19.28
C VAL B 142 2.31 -8.62 20.46
N MET B 143 1.66 -7.46 20.40
CA MET B 143 1.76 -6.48 21.49
C MET B 143 1.15 -7.03 22.79
N GLN B 144 0.04 -7.78 22.68
CA GLN B 144 -0.59 -8.38 23.85
C GLN B 144 0.26 -9.49 24.43
N ASP B 145 0.80 -10.38 23.57
CA ASP B 145 1.68 -11.43 24.06
C ASP B 145 2.97 -10.88 24.65
N SER B 146 3.44 -9.73 24.15
CA SER B 146 4.59 -9.05 24.72
C SER B 146 4.22 -8.18 25.92
N LYS B 147 2.95 -8.19 26.33
CA LYS B 147 2.50 -7.52 27.55
C LYS B 147 2.49 -6.01 27.44
N GLU B 148 2.53 -5.46 26.21
CA GLU B 148 2.43 -4.02 26.02
C GLU B 148 1.00 -3.52 26.11
N ILE B 149 0.01 -4.39 25.87
CA ILE B 149 -1.40 -4.05 25.92
C ILE B 149 -2.14 -5.24 26.51
N SER B 150 -3.31 -4.97 27.07
CA SER B 150 -4.14 -6.00 27.68
C SER B 150 -5.04 -6.67 26.63
N GLU B 151 -5.72 -7.73 27.08
CA GLU B 151 -6.63 -8.45 26.20
C GLU B 151 -7.87 -7.62 25.90
N ASP B 152 -8.36 -6.85 26.87
CA ASP B 152 -9.47 -5.94 26.59
C ASP B 152 -9.04 -4.87 25.59
N ASP B 153 -7.84 -4.31 25.77
CA ASP B 153 -7.30 -3.35 24.82
C ASP B 153 -7.39 -3.88 23.41
N LEU B 154 -6.95 -5.13 23.22
CA LEU B 154 -6.92 -5.67 21.88
C LEU B 154 -8.32 -5.87 21.31
N ARG B 155 -9.26 -6.38 22.13
CA ARG B 155 -10.63 -6.57 21.65
C ARG B 155 -11.29 -5.26 21.28
N VAL B 156 -11.09 -4.21 22.09
CA VAL B 156 -11.62 -2.90 21.77
C VAL B 156 -11.04 -2.41 20.44
N ALA B 157 -9.72 -2.52 20.29
CA ALA B 157 -9.13 -2.14 19.00
C ALA B 157 -9.65 -3.00 17.88
N GLY B 158 -9.95 -4.28 18.16
CA GLY B 158 -10.40 -5.17 17.12
C GLY B 158 -11.75 -4.79 16.55
N VAL B 159 -12.66 -4.29 17.40
CA VAL B 159 -13.97 -3.86 16.93
C VAL B 159 -13.83 -2.61 16.07
N GLU B 160 -13.00 -1.66 16.53
CA GLU B 160 -12.83 -0.42 15.78
C GLU B 160 -12.24 -0.69 14.41
N ILE B 161 -11.35 -1.69 14.32
CA ILE B 161 -10.73 -2.00 13.06
C ILE B 161 -11.66 -2.83 12.19
N GLN B 162 -12.57 -3.59 12.81
CA GLN B 162 -13.64 -4.21 12.03
C GLN B 162 -14.52 -3.15 11.41
N LYS B 163 -14.77 -2.05 12.13
CA LYS B 163 -15.54 -0.94 11.58
C LYS B 163 -14.84 -0.31 10.38
N ILE B 164 -13.53 -0.08 10.48
CA ILE B 164 -12.79 0.48 9.36
C ILE B 164 -12.86 -0.45 8.16
N THR B 165 -12.71 -1.76 8.39
CA THR B 165 -12.77 -2.73 7.30
C THR B 165 -14.14 -2.72 6.63
N ASP B 166 -15.22 -2.73 7.43
CA ASP B 166 -16.56 -2.72 6.86
C ASP B 166 -16.79 -1.50 5.99
N ASP B 167 -16.29 -0.34 6.42
CA ASP B 167 -16.52 0.90 5.68
C ASP B 167 -15.75 0.91 4.36
N ILE B 168 -14.52 0.39 4.35
CA ILE B 168 -13.80 0.34 3.08
C ILE B 168 -14.32 -0.78 2.19
N MET B 169 -14.73 -1.91 2.78
CA MET B 169 -15.35 -2.98 1.98
C MET B 169 -16.60 -2.48 1.27
N LYS B 170 -17.41 -1.68 1.95
CA LYS B 170 -18.62 -1.15 1.33
C LYS B 170 -18.29 -0.26 0.13
N LYS B 171 -17.20 0.51 0.22
CA LYS B 171 -16.80 1.36 -0.91
C LYS B 171 -16.19 0.55 -2.05
N VAL B 172 -15.53 -0.57 -1.74
CA VAL B 172 -15.06 -1.47 -2.79
C VAL B 172 -16.25 -2.07 -3.53
N ASN B 173 -17.27 -2.51 -2.78
CA ASN B 173 -18.39 -3.22 -3.41
C ASN B 173 -19.26 -2.26 -4.21
N ASP B 174 -19.45 -1.04 -3.73
CA ASP B 174 -20.21 -0.05 -4.47
C ASP B 174 -19.51 0.35 -5.76
N ALA B 175 -18.18 0.45 -5.74
CA ALA B 175 -17.47 0.65 -7.00
C ALA B 175 -17.62 -0.56 -7.92
N PHE B 176 -17.65 -1.76 -7.35
CA PHE B 176 -17.81 -2.97 -8.14
C PHE B 176 -19.13 -2.96 -8.92
N THR B 177 -20.26 -2.84 -8.20
CA THR B 177 -21.57 -2.91 -8.85
C THR B 177 -21.81 -1.74 -9.80
N SER B 178 -21.38 -0.54 -9.41
CA SER B 178 -21.47 0.60 -10.35
C SER B 178 -20.70 0.32 -11.64
N LYS B 179 -19.48 -0.20 -11.52
CA LYS B 179 -18.72 -0.51 -12.73
C LYS B 179 -19.40 -1.61 -13.54
N GLU B 180 -20.01 -2.59 -12.86
CA GLU B 180 -20.74 -3.64 -13.58
C GLU B 180 -21.92 -3.06 -14.36
N LYS B 181 -22.71 -2.18 -13.72
CA LYS B 181 -23.81 -1.52 -14.41
C LYS B 181 -23.32 -0.83 -15.69
N GLU B 182 -22.16 -0.17 -15.63
CA GLU B 182 -21.63 0.48 -16.83
C GLU B 182 -21.29 -0.53 -17.92
N LEU B 183 -20.70 -1.67 -17.54
CA LEU B 183 -20.37 -2.67 -18.54
C LEU B 183 -21.61 -3.27 -19.20
N LEU B 184 -22.75 -3.29 -18.49
CA LEU B 184 -23.96 -3.91 -18.98
C LEU B 184 -24.98 -2.92 -19.56
N HIS B 185 -24.73 -1.62 -19.47
CA HIS B 185 -25.60 -0.57 -20.02
C HIS B 185 -26.94 -0.50 -19.29
CL CL C . -2.03 -3.41 -2.98
CL CL D . 2.49 -14.87 26.14
CL CL E . 13.01 -6.08 34.22
CL CL F . -4.84 -13.61 16.10
#